data_3VPP
#
_entry.id   3VPP
#
_cell.length_a   42.170
_cell.length_b   53.824
_cell.length_c   57.446
_cell.angle_alpha   90.00
_cell.angle_beta   109.35
_cell.angle_gamma   90.00
#
_symmetry.space_group_name_H-M   'P 1 21 1'
#
loop_
_entity.id
_entity.type
_entity.pdbx_description
1 polymer 'C-type lectin domain family 9 member A'
2 non-polymer 'CALCIUM ION'
3 water water
#
_entity_poly.entity_id   1
_entity_poly.type   'polypeptide(L)'
_entity_poly.pdbx_seq_one_letter_code
;SSPCPNNWIQNRESCYYVSEIWSIWHTSQENCLKEGSTLLQIESKEEMDFITGSLRKIKGSYDYWVGLSQDGHSGRWLWQ
DGSSPSPGLLPAERSQSANQVCGYVKSNSLLSSNCDTWKYFICEKYALRSSV
;
_entity_poly.pdbx_strand_id   A,B
#
loop_
_chem_comp.id
_chem_comp.type
_chem_comp.name
_chem_comp.formula
CA non-polymer 'CALCIUM ION' 'Ca 2'
#
# COMPACT_ATOMS: atom_id res chain seq x y z
N SER A 2 20.32 14.37 -9.26
CA SER A 2 19.37 14.95 -10.21
C SER A 2 17.93 14.41 -10.08
N PRO A 3 17.76 13.10 -9.82
CA PRO A 3 16.39 12.72 -9.48
C PRO A 3 16.03 13.23 -8.09
N CYS A 4 17.02 13.31 -7.21
CA CYS A 4 16.82 13.75 -5.83
C CYS A 4 17.65 14.99 -5.52
N PRO A 5 17.22 15.79 -4.55
CA PRO A 5 18.02 16.94 -4.10
C PRO A 5 19.36 16.49 -3.52
N ASN A 6 20.28 17.43 -3.38
CA ASN A 6 21.52 17.21 -2.64
C ASN A 6 21.18 16.86 -1.20
N ASN A 7 21.93 15.92 -0.61
CA ASN A 7 21.75 15.51 0.80
C ASN A 7 20.57 14.54 1.00
N TRP A 8 19.89 14.20 -0.09
CA TRP A 8 18.75 13.28 -0.01
C TRP A 8 19.14 11.92 -0.57
N ILE A 9 18.44 10.87 -0.17
CA ILE A 9 18.72 9.53 -0.67
C ILE A 9 17.55 9.01 -1.51
N GLN A 10 17.87 8.35 -2.62
CA GLN A 10 16.82 7.82 -3.49
C GLN A 10 16.52 6.34 -3.28
N ASN A 11 15.25 5.99 -3.38
CA ASN A 11 14.85 4.60 -3.58
C ASN A 11 13.68 4.58 -4.55
N ARG A 12 13.95 4.12 -5.78
CA ARG A 12 12.96 4.08 -6.84
C ARG A 12 12.32 5.45 -7.11
N GLU A 13 11.01 5.56 -6.90
CA GLU A 13 10.30 6.79 -7.23
C GLU A 13 10.41 7.86 -6.14
N SER A 14 11.02 7.50 -5.01
CA SER A 14 11.02 8.39 -3.85
C SER A 14 12.42 8.94 -3.51
N CYS A 15 12.45 10.13 -2.92
CA CYS A 15 13.66 10.71 -2.33
C CYS A 15 13.41 10.95 -0.86
N TYR A 16 14.40 10.68 -0.02
CA TYR A 16 14.23 10.83 1.43
C TYR A 16 15.28 11.74 2.07
N TYR A 17 14.88 12.44 3.11
CA TYR A 17 15.83 13.24 3.87
C TYR A 17 15.73 12.85 5.32
N VAL A 18 16.87 12.50 5.92
CA VAL A 18 16.88 12.13 7.33
C VAL A 18 17.45 13.28 8.15
N SER A 19 16.65 13.83 9.05
CA SER A 19 17.06 15.04 9.78
C SER A 19 18.12 14.74 10.80
N GLU A 20 18.84 15.80 11.16
CA GLU A 20 19.82 15.77 12.24
C GLU A 20 19.41 16.77 13.30
N ILE A 21 18.19 17.29 13.19
CA ILE A 21 17.63 18.16 14.23
C ILE A 21 16.33 17.55 14.76
N TRP A 22 15.93 17.98 15.94
CA TRP A 22 14.66 17.54 16.53
C TRP A 22 13.63 18.61 16.30
N SER A 23 12.38 18.16 16.22
CA SER A 23 11.23 19.06 16.26
C SER A 23 10.02 18.25 16.69
N ILE A 24 8.94 18.93 17.04
CA ILE A 24 7.69 18.23 17.31
C ILE A 24 7.11 17.78 15.97
N TRP A 25 6.03 17.00 16.02
CA TRP A 25 5.55 16.33 14.81
C TRP A 25 5.06 17.36 13.80
N HIS A 26 4.21 18.27 14.24
CA HIS A 26 3.64 19.29 13.36
C HIS A 26 4.73 20.17 12.73
N THR A 27 5.73 20.54 13.51
CA THR A 27 6.77 21.44 13.02
C THR A 27 7.68 20.66 12.06
N SER A 28 7.86 19.37 12.33
CA SER A 28 8.61 18.50 11.44
C SER A 28 7.91 18.45 10.08
N GLN A 29 6.59 18.33 10.09
CA GLN A 29 5.85 18.34 8.84
C GLN A 29 6.05 19.69 8.12
N GLU A 30 6.04 20.80 8.86
CA GLU A 30 6.26 22.11 8.23
C GLU A 30 7.67 22.22 7.65
N ASN A 31 8.64 21.62 8.32
CA ASN A 31 9.99 21.55 7.80
C ASN A 31 10.02 20.79 6.46
N CYS A 32 9.34 19.66 6.38
CA CYS A 32 9.26 18.93 5.11
C CYS A 32 8.58 19.79 4.04
N LEU A 33 7.50 20.46 4.42
CA LEU A 33 6.74 21.28 3.47
C LEU A 33 7.59 22.39 2.87
N LYS A 34 8.53 22.92 3.65
CA LYS A 34 9.37 24.00 3.16
C LYS A 34 10.27 23.51 2.04
N GLU A 35 10.49 22.21 2.02
CA GLU A 35 11.38 21.59 1.06
C GLU A 35 10.58 20.89 -0.02
N GLY A 36 9.29 21.25 -0.14
CA GLY A 36 8.42 20.61 -1.12
C GLY A 36 8.23 19.12 -0.89
N SER A 37 8.26 18.71 0.37
CA SER A 37 8.13 17.32 0.71
C SER A 37 7.14 17.16 1.85
N THR A 38 7.00 15.93 2.34
CA THR A 38 6.07 15.67 3.43
C THR A 38 6.71 14.63 4.33
N LEU A 39 6.19 14.44 5.55
CA LEU A 39 6.78 13.42 6.40
C LEU A 39 6.70 12.05 5.70
N LEU A 40 7.74 11.23 5.90
CA LEU A 40 7.79 9.87 5.35
C LEU A 40 6.48 9.11 5.52
N GLN A 41 5.99 8.52 4.43
CA GLN A 41 4.87 7.59 4.53
C GLN A 41 5.39 6.26 4.06
N ILE A 42 5.02 5.19 4.73
CA ILE A 42 5.58 3.90 4.36
C ILE A 42 4.42 3.05 3.89
N GLU A 43 4.34 2.84 2.58
CA GLU A 43 3.16 2.18 2.01
C GLU A 43 3.40 0.72 1.64
N SER A 44 4.56 0.18 1.98
CA SER A 44 4.88 -1.19 1.59
C SER A 44 6.00 -1.76 2.42
N LYS A 45 6.09 -3.09 2.42
CA LYS A 45 7.17 -3.76 3.14
C LYS A 45 8.49 -3.42 2.49
N GLU A 46 8.49 -3.31 1.17
CA GLU A 46 9.70 -2.94 0.43
C GLU A 46 10.27 -1.61 0.94
N GLU A 47 9.39 -0.63 1.12
CA GLU A 47 9.84 0.67 1.56
C GLU A 47 10.28 0.65 3.02
N MET A 48 9.55 -0.09 3.84
CA MET A 48 9.92 -0.23 5.25
C MET A 48 11.31 -0.82 5.36
N ASP A 49 11.57 -1.87 4.57
CA ASP A 49 12.87 -2.51 4.54
C ASP A 49 13.95 -1.53 4.09
N PHE A 50 13.63 -0.65 3.16
CA PHE A 50 14.61 0.34 2.73
C PHE A 50 14.91 1.35 3.83
N ILE A 51 13.86 1.82 4.48
CA ILE A 51 14.01 2.81 5.52
C ILE A 51 14.79 2.23 6.71
N THR A 52 14.44 1.01 7.12
CA THR A 52 15.15 0.42 8.26
C THR A 52 16.62 0.18 7.91
N GLY A 53 16.86 -0.25 6.67
CA GLY A 53 18.20 -0.46 6.17
C GLY A 53 19.00 0.85 6.15
N SER A 54 18.38 1.92 5.65
CA SER A 54 19.05 3.22 5.57
C SER A 54 19.46 3.76 6.93
N LEU A 55 18.55 3.75 7.89
CA LEU A 55 18.85 4.27 9.23
C LEU A 55 19.95 3.49 9.91
N ARG A 56 20.10 2.22 9.56
CA ARG A 56 21.15 1.40 10.16
C ARG A 56 22.54 1.90 9.79
N LYS A 57 22.61 2.68 8.72
CA LYS A 57 23.88 3.21 8.22
C LYS A 57 24.22 4.49 8.97
N ILE A 58 23.27 4.92 9.81
CA ILE A 58 23.38 6.18 10.52
C ILE A 58 23.54 5.87 12.01
N LYS A 59 24.48 6.55 12.68
CA LYS A 59 24.76 6.25 14.09
C LYS A 59 23.53 6.36 14.97
N GLY A 60 23.43 5.44 15.93
CA GLY A 60 22.35 5.49 16.89
C GLY A 60 21.12 4.79 16.37
N SER A 61 20.19 4.57 17.28
CA SER A 61 18.91 4.05 16.89
C SER A 61 17.95 5.10 17.35
N TYR A 62 17.98 6.24 16.66
CA TYR A 62 17.21 7.39 17.08
C TYR A 62 15.75 7.27 16.66
N ASP A 63 14.92 8.17 17.20
CA ASP A 63 13.50 8.22 16.87
C ASP A 63 13.26 9.19 15.73
N TYR A 64 12.51 8.76 14.72
CA TYR A 64 12.23 9.62 13.57
C TYR A 64 10.75 9.71 13.33
N TRP A 65 10.18 10.91 13.43
CA TRP A 65 8.78 11.08 13.08
C TRP A 65 8.49 10.61 11.66
N VAL A 66 7.34 9.97 11.48
CA VAL A 66 6.82 9.69 10.14
C VAL A 66 5.43 10.26 10.02
N GLY A 67 4.84 10.20 8.82
CA GLY A 67 3.60 10.91 8.57
C GLY A 67 2.34 10.19 9.01
N LEU A 68 2.36 9.59 10.21
CA LEU A 68 1.24 8.83 10.73
C LEU A 68 0.68 9.53 11.93
N SER A 69 -0.64 9.67 12.00
CA SER A 69 -1.26 10.24 13.19
C SER A 69 -2.54 9.50 13.51
N GLN A 70 -2.88 9.51 14.80
CA GLN A 70 -3.99 8.71 15.31
C GLN A 70 -5.12 9.66 15.66
N ASP A 71 -6.29 9.43 15.08
CA ASP A 71 -7.47 10.23 15.39
C ASP A 71 -7.88 10.09 16.85
N GLY A 72 -8.21 11.21 17.48
CA GLY A 72 -8.58 11.20 18.88
C GLY A 72 -9.94 10.58 19.16
N HIS A 73 -10.71 10.29 18.12
CA HIS A 73 -12.05 9.73 18.30
C HIS A 73 -12.17 8.25 17.92
N SER A 74 -11.33 7.81 16.99
CA SER A 74 -11.39 6.43 16.50
C SER A 74 -10.25 5.57 17.05
N GLY A 75 -9.12 6.22 17.33
CA GLY A 75 -7.90 5.51 17.65
C GLY A 75 -7.27 4.96 16.39
N ARG A 76 -7.83 5.36 15.24
CA ARG A 76 -7.37 4.84 13.96
C ARG A 76 -6.26 5.66 13.33
N TRP A 77 -5.28 4.94 12.81
CA TRP A 77 -4.10 5.55 12.21
C TRP A 77 -4.31 5.88 10.75
N LEU A 78 -3.86 7.07 10.35
CA LEU A 78 -3.89 7.48 8.95
C LEU A 78 -2.57 8.13 8.56
N TRP A 79 -2.14 7.89 7.32
CA TRP A 79 -1.06 8.67 6.74
C TRP A 79 -1.62 10.05 6.43
N GLN A 80 -0.73 11.01 6.18
CA GLN A 80 -1.15 12.39 5.97
CA GLN A 80 -1.16 12.38 5.97
C GLN A 80 -1.85 12.62 4.63
N ASP A 81 -2.03 11.57 3.84
CA ASP A 81 -2.79 11.68 2.60
C ASP A 81 -4.17 11.03 2.79
N GLY A 82 -4.46 10.60 4.02
CA GLY A 82 -5.75 10.00 4.34
C GLY A 82 -5.83 8.50 4.08
N SER A 83 -4.74 7.88 3.66
CA SER A 83 -4.77 6.43 3.46
C SER A 83 -4.44 5.71 4.76
N SER A 84 -4.90 4.45 4.89
CA SER A 84 -4.68 3.67 6.11
C SER A 84 -3.44 2.82 5.96
N PRO A 85 -2.66 2.69 7.04
CA PRO A 85 -1.53 1.76 6.99
C PRO A 85 -2.02 0.32 7.01
N SER A 86 -1.21 -0.57 6.45
CA SER A 86 -1.52 -1.99 6.53
C SER A 86 -1.26 -2.52 7.94
N PRO A 87 -1.77 -3.73 8.24
CA PRO A 87 -1.55 -4.32 9.56
C PRO A 87 -0.07 -4.55 9.87
N GLY A 88 0.81 -4.43 8.89
CA GLY A 88 2.24 -4.54 9.14
C GLY A 88 2.91 -3.24 9.54
N LEU A 89 2.17 -2.15 9.46
CA LEU A 89 2.74 -0.83 9.70
C LEU A 89 1.87 -0.04 10.68
N LEU A 90 1.39 -0.73 11.70
CA LEU A 90 0.65 -0.07 12.76
C LEU A 90 1.59 0.19 13.92
N PRO A 91 1.62 1.43 14.41
CA PRO A 91 2.49 1.71 15.55
C PRO A 91 2.15 0.81 16.73
N ALA A 92 3.16 0.35 17.43
CA ALA A 92 2.96 -0.45 18.63
C ALA A 92 2.33 0.43 19.71
N GLU A 93 1.60 -0.21 20.62
CA GLU A 93 0.88 0.51 21.66
C GLU A 93 1.80 0.89 22.81
N GLN A 100 -2.82 14.42 21.46
CA GLN A 100 -2.90 13.77 20.16
C GLN A 100 -1.68 12.86 19.97
N VAL A 101 -1.85 11.78 19.23
CA VAL A 101 -0.80 10.78 19.11
C VAL A 101 -0.30 10.61 17.66
N CYS A 102 1.02 10.50 17.52
CA CYS A 102 1.68 10.40 16.22
C CYS A 102 2.66 9.26 16.16
N GLY A 103 3.02 8.84 14.95
CA GLY A 103 3.89 7.69 14.83
C GLY A 103 5.33 8.05 14.50
N TYR A 104 6.25 7.20 14.93
CA TYR A 104 7.65 7.36 14.60
C TYR A 104 8.31 6.01 14.37
N VAL A 105 9.44 6.02 13.64
CA VAL A 105 10.22 4.80 13.44
CA VAL A 105 10.22 4.80 13.44
C VAL A 105 11.45 4.84 14.36
N LYS A 106 11.77 3.69 14.94
CA LYS A 106 12.99 3.55 15.74
C LYS A 106 13.56 2.17 15.45
N SER A 107 14.73 2.16 14.82
CA SER A 107 15.32 0.93 14.38
C SER A 107 14.37 0.19 13.44
N ASN A 108 13.87 -0.98 13.83
CA ASN A 108 13.05 -1.76 12.92
C ASN A 108 11.55 -1.65 13.20
N SER A 109 11.20 -0.74 14.12
CA SER A 109 9.85 -0.72 14.66
C SER A 109 9.12 0.61 14.44
N LEU A 110 7.81 0.54 14.23
CA LEU A 110 6.96 1.73 14.26
C LEU A 110 6.34 1.85 15.64
N LEU A 111 6.52 3.01 16.26
CA LEU A 111 6.03 3.25 17.62
C LEU A 111 5.14 4.49 17.68
N SER A 112 4.57 4.70 18.86
CA SER A 112 3.57 5.73 19.09
C SER A 112 4.05 6.73 20.14
N SER A 113 3.77 8.02 19.94
CA SER A 113 4.18 9.05 20.91
C SER A 113 3.22 10.24 20.92
N ASN A 114 3.14 10.92 22.06
CA ASN A 114 2.54 12.24 22.08
C ASN A 114 3.22 13.09 21.00
N CYS A 115 2.42 13.79 20.20
CA CYS A 115 2.95 14.54 19.07
C CYS A 115 3.81 15.74 19.47
N ASP A 116 3.62 16.20 20.70
CA ASP A 116 4.32 17.37 21.23
C ASP A 116 5.55 16.91 22.01
N THR A 117 6.39 16.15 21.31
CA THR A 117 7.69 15.75 21.83
C THR A 117 8.73 15.96 20.74
N TRP A 118 10.00 16.07 21.13
CA TRP A 118 11.09 16.31 20.17
C TRP A 118 11.72 15.03 19.68
N LYS A 119 11.66 14.80 18.36
CA LYS A 119 12.31 13.64 17.75
C LYS A 119 12.91 14.10 16.45
N TYR A 120 13.76 13.28 15.85
CA TYR A 120 14.20 13.61 14.50
C TYR A 120 13.03 13.35 13.56
N PHE A 121 13.22 13.58 12.27
CA PHE A 121 12.15 13.31 11.30
C PHE A 121 12.71 12.88 9.94
N ILE A 122 11.87 12.26 9.12
CA ILE A 122 12.28 11.88 7.78
C ILE A 122 11.25 12.45 6.82
N CYS A 123 11.71 13.14 5.79
CA CYS A 123 10.83 13.69 4.77
C CYS A 123 10.95 12.84 3.52
N GLU A 124 9.91 12.91 2.69
CA GLU A 124 9.87 12.17 1.44
C GLU A 124 9.22 13.01 0.36
N LYS A 125 9.80 12.98 -0.84
CA LYS A 125 9.12 13.55 -1.99
C LYS A 125 9.38 12.70 -3.23
N TYR A 126 8.57 12.94 -4.26
CA TYR A 126 8.73 12.21 -5.52
C TYR A 126 10.06 12.57 -6.17
N ALA A 127 10.79 11.56 -6.62
CA ALA A 127 11.93 11.81 -7.49
C ALA A 127 11.41 12.30 -8.85
N LEU A 128 12.25 13.05 -9.55
CA LEU A 128 11.94 13.43 -10.91
C LEU A 128 12.05 12.21 -11.81
N SER B 2 10.34 -19.53 -15.00
CA SER B 2 10.98 -20.04 -13.79
C SER B 2 10.53 -19.33 -12.51
N PRO B 3 10.53 -17.98 -12.49
CA PRO B 3 9.93 -17.34 -11.31
C PRO B 3 8.42 -17.51 -11.34
N CYS B 4 7.86 -17.58 -12.54
CA CYS B 4 6.41 -17.69 -12.71
C CYS B 4 6.04 -18.92 -13.55
N PRO B 5 4.88 -19.51 -13.25
CA PRO B 5 4.36 -20.66 -14.03
C PRO B 5 4.01 -20.27 -15.46
N ASN B 6 3.87 -21.28 -16.33
CA ASN B 6 3.44 -21.06 -17.71
C ASN B 6 2.09 -20.32 -17.73
N ASN B 7 1.96 -19.37 -18.66
CA ASN B 7 0.75 -18.55 -18.81
C ASN B 7 0.51 -17.54 -17.70
N TRP B 8 1.48 -17.40 -16.79
CA TRP B 8 1.45 -16.33 -15.81
C TRP B 8 2.39 -15.20 -16.26
N ILE B 9 2.10 -13.98 -15.85
CA ILE B 9 2.98 -12.85 -16.19
C ILE B 9 3.62 -12.31 -14.91
N GLN B 10 4.87 -11.86 -15.01
CA GLN B 10 5.56 -11.34 -13.83
C GLN B 10 5.66 -9.83 -13.80
N ASN B 11 5.53 -9.26 -12.61
CA ASN B 11 5.96 -7.90 -12.36
C ASN B 11 6.64 -7.86 -10.99
N ARG B 12 7.95 -7.65 -11.01
CA ARG B 12 8.77 -7.63 -9.79
C ARG B 12 8.57 -8.90 -8.93
N GLU B 13 8.09 -8.74 -7.71
CA GLU B 13 7.97 -9.87 -6.80
C GLU B 13 6.70 -10.70 -7.06
N SER B 14 5.85 -10.25 -7.98
CA SER B 14 4.56 -10.90 -8.19
C SER B 14 4.40 -11.64 -9.53
N CYS B 15 3.61 -12.71 -9.52
CA CYS B 15 3.18 -13.42 -10.75
C CYS B 15 1.66 -13.31 -10.84
N TYR B 16 1.14 -13.12 -12.05
CA TYR B 16 -0.31 -12.95 -12.20
C TYR B 16 -0.86 -13.87 -13.26
N TYR B 17 -2.09 -14.32 -13.03
CA TYR B 17 -2.78 -15.17 -14.00
C TYR B 17 -4.11 -14.54 -14.31
N VAL B 18 -4.38 -14.36 -15.60
CA VAL B 18 -5.61 -13.74 -16.04
C VAL B 18 -6.49 -14.82 -16.64
N SER B 19 -7.61 -15.10 -15.99
CA SER B 19 -8.43 -16.24 -16.39
C SER B 19 -9.14 -16.02 -17.71
N GLU B 20 -9.52 -17.13 -18.34
CA GLU B 20 -10.34 -17.10 -19.53
C GLU B 20 -11.66 -17.83 -19.28
N ILE B 21 -11.93 -18.11 -18.01
CA ILE B 21 -13.22 -18.66 -17.57
C ILE B 21 -13.88 -17.75 -16.55
N TRP B 22 -15.19 -17.90 -16.41
CA TRP B 22 -15.93 -17.12 -15.43
C TRP B 22 -16.18 -17.97 -14.20
N SER B 23 -16.24 -17.31 -13.05
CA SER B 23 -16.75 -17.93 -11.84
C SER B 23 -17.28 -16.82 -10.94
N ILE B 24 -18.02 -17.18 -9.90
CA ILE B 24 -18.43 -16.23 -8.88
C ILE B 24 -17.20 -15.90 -8.04
N TRP B 25 -17.31 -14.89 -7.18
CA TRP B 25 -16.12 -14.39 -6.49
C TRP B 25 -15.48 -15.46 -5.61
N HIS B 26 -16.28 -16.16 -4.82
CA HIS B 26 -15.73 -17.14 -3.89
C HIS B 26 -15.06 -18.30 -4.61
N THR B 27 -15.69 -18.77 -5.68
CA THR B 27 -15.15 -19.88 -6.45
C THR B 27 -13.88 -19.46 -7.18
N SER B 28 -13.83 -18.20 -7.62
CA SER B 28 -12.62 -17.65 -8.24
C SER B 28 -11.48 -17.69 -7.22
N GLN B 29 -11.78 -17.30 -5.98
CA GLN B 29 -10.76 -17.37 -4.95
C GLN B 29 -10.29 -18.82 -4.76
N GLU B 30 -11.23 -19.76 -4.76
CA GLU B 30 -10.88 -21.17 -4.60
C GLU B 30 -10.01 -21.64 -5.77
N ASN B 31 -10.34 -21.17 -6.97
CA ASN B 31 -9.52 -21.44 -8.15
C ASN B 31 -8.07 -20.95 -7.97
N CYS B 32 -7.91 -19.74 -7.44
CA CYS B 32 -6.56 -19.23 -7.18
C CYS B 32 -5.86 -20.09 -6.14
N LEU B 33 -6.59 -20.46 -5.09
CA LEU B 33 -5.98 -21.21 -3.99
C LEU B 33 -5.43 -22.56 -4.46
N LYS B 34 -6.06 -23.14 -5.48
CA LYS B 34 -5.65 -24.44 -5.99
C LYS B 34 -4.28 -24.35 -6.64
N GLU B 35 -3.92 -23.14 -7.06
CA GLU B 35 -2.65 -22.92 -7.72
C GLU B 35 -1.69 -22.21 -6.79
N GLY B 36 -1.96 -22.30 -5.49
CA GLY B 36 -1.12 -21.67 -4.49
C GLY B 36 -1.06 -20.15 -4.63
N SER B 37 -2.16 -19.56 -5.08
CA SER B 37 -2.22 -18.12 -5.25
C SER B 37 -3.48 -17.59 -4.58
N THR B 38 -3.77 -16.31 -4.78
CA THR B 38 -4.96 -15.69 -4.21
C THR B 38 -5.48 -14.69 -5.22
N LEU B 39 -6.70 -14.20 -5.04
CA LEU B 39 -7.21 -13.19 -5.97
C LEU B 39 -6.29 -11.96 -5.94
N LEU B 40 -6.11 -11.34 -7.10
CA LEU B 40 -5.29 -10.13 -7.23
C LEU B 40 -5.55 -9.11 -6.11
N GLN B 41 -4.48 -8.62 -5.48
CA GLN B 41 -4.64 -7.51 -4.55
C GLN B 41 -3.83 -6.37 -5.12
N ILE B 42 -4.35 -5.16 -5.07
CA ILE B 42 -3.64 -4.06 -5.70
C ILE B 42 -3.23 -3.09 -4.60
N GLU B 43 -1.95 -3.07 -4.24
CA GLU B 43 -1.51 -2.29 -3.07
C GLU B 43 -0.82 -0.98 -3.42
N SER B 44 -0.79 -0.63 -4.71
CA SER B 44 -0.08 0.56 -5.15
C SER B 44 -0.53 1.01 -6.52
N LYS B 45 -0.29 2.27 -6.83
CA LYS B 45 -0.57 2.80 -8.14
C LYS B 45 0.31 2.09 -9.17
N GLU B 46 1.54 1.78 -8.79
CA GLU B 46 2.45 1.10 -9.71
C GLU B 46 1.86 -0.22 -10.16
N GLU B 47 1.24 -0.93 -9.23
CA GLU B 47 0.71 -2.23 -9.57
C GLU B 47 -0.60 -2.07 -10.35
N MET B 48 -1.41 -1.09 -9.96
CA MET B 48 -2.62 -0.81 -10.72
C MET B 48 -2.28 -0.50 -12.17
N ASP B 49 -1.26 0.33 -12.37
CA ASP B 49 -0.84 0.68 -13.73
C ASP B 49 -0.35 -0.54 -14.51
N PHE B 50 0.34 -1.47 -13.84
CA PHE B 50 0.80 -2.68 -14.52
C PHE B 50 -0.39 -3.54 -14.92
N ILE B 51 -1.32 -3.70 -13.99
CA ILE B 51 -2.50 -4.52 -14.26
C ILE B 51 -3.34 -3.94 -15.41
N THR B 52 -3.64 -2.65 -15.35
CA THR B 52 -4.47 -2.06 -16.41
C THR B 52 -3.76 -2.09 -17.75
N GLY B 53 -2.46 -1.84 -17.74
CA GLY B 53 -1.64 -1.98 -18.95
C GLY B 53 -1.64 -3.40 -19.50
N SER B 54 -1.56 -4.40 -18.62
CA SER B 54 -1.61 -5.81 -19.04
C SER B 54 -2.96 -6.20 -19.63
N LEU B 55 -4.04 -5.77 -19.00
CA LEU B 55 -5.38 -6.10 -19.51
C LEU B 55 -5.64 -5.42 -20.84
N ARG B 56 -5.01 -4.26 -21.02
CA ARG B 56 -5.19 -3.48 -22.25
C ARG B 56 -4.69 -4.24 -23.48
N LYS B 57 -3.84 -5.25 -23.25
CA LYS B 57 -3.30 -6.06 -24.34
C LYS B 57 -4.13 -7.33 -24.57
N ILE B 58 -5.19 -7.49 -23.78
CA ILE B 58 -6.07 -8.63 -23.91
C ILE B 58 -7.35 -8.14 -24.59
N LYS B 59 -7.82 -8.90 -25.57
CA LYS B 59 -9.05 -8.51 -26.29
C LYS B 59 -10.18 -8.26 -25.32
N GLY B 60 -11.02 -7.26 -25.64
CA GLY B 60 -12.19 -6.97 -24.84
C GLY B 60 -11.82 -6.17 -23.62
N SER B 61 -12.84 -5.64 -22.98
CA SER B 61 -12.61 -4.93 -21.74
C SER B 61 -13.46 -5.66 -20.73
N TYR B 62 -13.03 -6.87 -20.40
CA TYR B 62 -13.84 -7.76 -19.60
C TYR B 62 -13.75 -7.41 -18.13
N ASP B 63 -14.63 -8.02 -17.33
CA ASP B 63 -14.66 -7.81 -15.89
C ASP B 63 -13.83 -8.87 -15.21
N TYR B 64 -12.95 -8.46 -14.29
CA TYR B 64 -12.08 -9.43 -13.63
C TYR B 64 -12.18 -9.26 -12.13
N TRP B 65 -12.62 -10.31 -11.44
CA TRP B 65 -12.67 -10.26 -9.97
C TRP B 65 -11.30 -9.97 -9.41
N VAL B 66 -11.26 -9.21 -8.34
CA VAL B 66 -10.03 -9.02 -7.56
C VAL B 66 -10.33 -9.30 -6.11
N GLY B 67 -9.29 -9.32 -5.27
CA GLY B 67 -9.45 -9.82 -3.91
C GLY B 67 -10.00 -8.81 -2.92
N LEU B 68 -11.02 -8.06 -3.34
CA LEU B 68 -11.60 -6.99 -2.53
C LEU B 68 -13.01 -7.37 -2.19
N SER B 69 -13.40 -7.23 -0.94
CA SER B 69 -14.80 -7.48 -0.58
C SER B 69 -15.21 -6.54 0.53
N GLN B 70 -16.52 -6.33 0.66
CA GLN B 70 -17.04 -5.44 1.69
C GLN B 70 -17.45 -6.23 2.92
N ASP B 71 -16.79 -5.94 4.03
CA ASP B 71 -17.18 -6.47 5.33
C ASP B 71 -18.63 -6.05 5.60
N GLY B 72 -19.52 -7.02 5.79
CA GLY B 72 -20.92 -6.70 6.01
C GLY B 72 -21.19 -6.12 7.39
N HIS B 73 -20.18 -6.15 8.26
CA HIS B 73 -20.32 -5.67 9.62
C HIS B 73 -19.93 -4.21 9.74
N SER B 74 -18.80 -3.86 9.13
CA SER B 74 -18.29 -2.51 9.18
C SER B 74 -18.60 -1.78 7.88
N GLY B 75 -18.88 -2.53 6.83
CA GLY B 75 -19.17 -1.93 5.54
C GLY B 75 -17.89 -1.59 4.78
N ARG B 76 -16.75 -1.83 5.43
CA ARG B 76 -15.47 -1.43 4.87
C ARG B 76 -15.00 -2.35 3.77
N TRP B 77 -14.42 -1.77 2.73
CA TRP B 77 -13.71 -2.56 1.72
C TRP B 77 -12.40 -3.05 2.31
N LEU B 78 -12.12 -4.34 2.15
CA LEU B 78 -10.88 -4.93 2.63
C LEU B 78 -10.33 -5.90 1.60
N TRP B 79 -9.00 -5.92 1.46
CA TRP B 79 -8.37 -6.98 0.68
C TRP B 79 -8.48 -8.25 1.50
N GLN B 80 -8.22 -9.40 0.87
CA GLN B 80 -8.37 -10.69 1.54
CA GLN B 80 -8.36 -10.69 1.55
C GLN B 80 -7.29 -10.98 2.58
N ASP B 81 -6.36 -10.04 2.76
CA ASP B 81 -5.37 -10.20 3.82
C ASP B 81 -5.73 -9.28 5.00
N GLY B 82 -6.87 -8.60 4.90
CA GLY B 82 -7.34 -7.76 5.99
C GLY B 82 -6.89 -6.30 5.91
N SER B 83 -6.08 -5.96 4.92
CA SER B 83 -5.63 -4.58 4.76
C SER B 83 -6.67 -3.74 4.02
N SER B 84 -6.63 -2.41 4.23
CA SER B 84 -7.57 -1.50 3.58
C SER B 84 -7.00 -0.95 2.28
N PRO B 85 -7.82 -0.86 1.24
CA PRO B 85 -7.33 -0.17 0.04
C PRO B 85 -7.17 1.34 0.28
N SER B 86 -6.28 1.94 -0.50
CA SER B 86 -6.12 3.39 -0.46
C SER B 86 -7.29 4.06 -1.16
N PRO B 87 -7.46 5.37 -0.95
CA PRO B 87 -8.54 6.11 -1.60
C PRO B 87 -8.47 6.11 -3.13
N GLY B 88 -7.35 5.65 -3.70
CA GLY B 88 -7.26 5.49 -5.14
C GLY B 88 -7.73 4.14 -5.66
N LEU B 89 -8.01 3.20 -4.74
CA LEU B 89 -8.41 1.87 -5.15
C LEU B 89 -9.70 1.43 -4.45
N LEU B 90 -10.63 2.36 -4.29
CA LEU B 90 -11.95 2.03 -3.77
C LEU B 90 -12.88 1.77 -4.95
N PRO B 91 -13.66 0.70 -4.88
CA PRO B 91 -14.58 0.47 -6.00
C PRO B 91 -15.60 1.58 -6.10
N ALA B 92 -16.00 1.93 -7.31
CA ALA B 92 -17.10 2.88 -7.50
C ALA B 92 -18.42 2.28 -7.00
N GLU B 93 -19.32 3.13 -6.52
CA GLU B 93 -20.62 2.65 -6.04
C GLU B 93 -21.43 1.98 -7.15
N ASN B 99 -26.48 -9.87 -1.81
CA ASN B 99 -26.24 -10.01 -0.38
C ASN B 99 -24.87 -9.46 0.04
N GLN B 100 -23.82 -9.99 -0.56
CA GLN B 100 -22.48 -9.48 -0.30
C GLN B 100 -21.88 -8.88 -1.56
N VAL B 101 -21.03 -7.87 -1.38
CA VAL B 101 -20.52 -7.09 -2.48
C VAL B 101 -19.00 -7.24 -2.60
N CYS B 102 -18.53 -7.42 -3.84
CA CYS B 102 -17.11 -7.67 -4.11
C CYS B 102 -16.60 -6.78 -5.21
N GLY B 103 -15.28 -6.65 -5.28
CA GLY B 103 -14.70 -5.73 -6.24
C GLY B 103 -14.15 -6.43 -7.48
N TYR B 104 -14.20 -5.70 -8.60
CA TYR B 104 -13.61 -6.18 -9.84
C TYR B 104 -12.96 -5.06 -10.62
N VAL B 105 -12.01 -5.42 -11.50
CA VAL B 105 -11.40 -4.44 -12.40
CA VAL B 105 -11.40 -4.44 -12.40
C VAL B 105 -12.01 -4.54 -13.80
N LYS B 106 -12.25 -3.41 -14.44
CA LYS B 106 -12.70 -3.39 -15.83
C LYS B 106 -12.01 -2.20 -16.48
N SER B 107 -11.21 -2.46 -17.52
CA SER B 107 -10.41 -1.41 -18.13
C SER B 107 -9.55 -0.72 -17.09
N ASN B 108 -9.80 0.56 -16.83
CA ASN B 108 -8.95 1.32 -15.91
C ASN B 108 -9.59 1.55 -14.55
N SER B 109 -10.69 0.87 -14.29
CA SER B 109 -11.53 1.19 -13.14
C SER B 109 -11.75 0.00 -12.21
N LEU B 110 -11.86 0.29 -10.91
CA LEU B 110 -12.30 -0.67 -9.91
C LEU B 110 -13.78 -0.42 -9.66
N LEU B 111 -14.57 -1.48 -9.84
CA LEU B 111 -16.01 -1.42 -9.70
C LEU B 111 -16.52 -2.44 -8.68
N SER B 112 -17.81 -2.34 -8.40
CA SER B 112 -18.44 -3.10 -7.35
C SER B 112 -19.56 -3.96 -7.94
N SER B 113 -19.72 -5.19 -7.44
CA SER B 113 -20.75 -6.10 -7.95
C SER B 113 -21.21 -7.08 -6.89
N ASN B 114 -22.43 -7.58 -7.02
CA ASN B 114 -22.85 -8.71 -6.20
C ASN B 114 -21.84 -9.84 -6.41
N CYS B 115 -21.40 -10.45 -5.32
CA CYS B 115 -20.37 -11.49 -5.38
C CYS B 115 -20.83 -12.73 -6.13
N ASP B 116 -22.14 -12.95 -6.16
CA ASP B 116 -22.73 -14.13 -6.78
C ASP B 116 -23.06 -13.86 -8.25
N THR B 117 -22.06 -13.41 -9.00
CA THR B 117 -22.19 -13.19 -10.44
C THR B 117 -20.95 -13.76 -11.11
N TRP B 118 -21.05 -14.05 -12.39
CA TRP B 118 -19.95 -14.67 -13.14
C TRP B 118 -19.10 -13.60 -13.80
N LYS B 119 -17.82 -13.56 -13.44
CA LYS B 119 -16.86 -12.69 -14.10
C LYS B 119 -15.57 -13.46 -14.29
N TYR B 120 -14.65 -12.94 -15.08
CA TYR B 120 -13.33 -13.55 -15.09
C TYR B 120 -12.66 -13.20 -13.76
N PHE B 121 -11.42 -13.65 -13.57
CA PHE B 121 -10.70 -13.32 -12.33
C PHE B 121 -9.20 -13.24 -12.59
N ILE B 122 -8.48 -12.61 -11.67
CA ILE B 122 -7.03 -12.55 -11.80
C ILE B 122 -6.45 -13.08 -10.48
N CYS B 123 -5.48 -13.97 -10.58
CA CYS B 123 -4.80 -14.50 -9.39
C CYS B 123 -3.41 -13.90 -9.31
N GLU B 124 -2.86 -13.91 -8.09
CA GLU B 124 -1.54 -13.38 -7.84
C GLU B 124 -0.83 -14.25 -6.82
N LYS B 125 0.46 -14.52 -7.05
CA LYS B 125 1.30 -15.15 -6.02
C LYS B 125 2.72 -14.61 -6.07
N TYR B 126 3.47 -14.83 -4.99
CA TYR B 126 4.86 -14.40 -4.95
C TYR B 126 5.66 -15.16 -6.00
N ALA B 127 6.50 -14.46 -6.76
CA ALA B 127 7.41 -15.14 -7.65
C ALA B 127 8.47 -15.87 -6.81
N LEU B 128 9.01 -16.95 -7.34
CA LEU B 128 10.05 -17.69 -6.65
C LEU B 128 11.39 -16.97 -6.80
CA CA C . 6.35 6.39 0.65
CA CA D . -0.42 -7.25 -5.13
#